data_4XRN
#
_entry.id   4XRN
#
_cell.length_a   75.526
_cell.length_b   75.526
_cell.length_c   195.370
_cell.angle_alpha   90.00
_cell.angle_beta   90.00
_cell.angle_gamma   90.00
#
_symmetry.space_group_name_H-M   'P 41 21 2'
#
loop_
_entity.id
_entity.type
_entity.pdbx_description
1 polymer 'Alginate biosynthesis protein Alg44'
2 non-polymer "9,9'-[(2R,3R,3aS,5S,7aR,9R,10R,10aS,12S,14aR)-3,5,10,12-tetrahydroxy-5,12-dioxidooctahydro-2H,7H-difuro[3,2-d:3',2'-j][1,3,7,9,2,8]tetraoxadiphosphacyclododecine-2,9-diyl]bis(2-amino-1,9-dihydro-6H-purin-6-one)"
3 non-polymer 'ZINC ION'
4 water water
#
_entity_poly.entity_id   1
_entity_poly.type   'polypeptide(L)'
_entity_poly.pdbx_seq_one_letter_code
;GPGSQRQFARVKLPARIRYIGANREGVDARLLDLSAGGFAFTASGAPIQPGDLYKGKLLFQVDSISFSLEVEFQVRSVDP
ASRRVGCEFQNLKPREVAALRYLITSYLAGE
;
_entity_poly.pdbx_strand_id   A,B,C,D
#
loop_
_chem_comp.id
_chem_comp.type
_chem_comp.name
_chem_comp.formula
C2E non-polymer 9,9'-[(2R,3R,3aS,5S,7aR,9R,10R,10aS,12S,14aR)-3,5,10,12-tetrahydroxy-5,12-dioxidooctahydro-2H,7H-difuro[3,2-d:3',2'-j][1,3,7,9,2,8]tetraoxadiphosphacyclododecine-2,9-diyl]bis(2-amino-1,9-dihydro-6H-purin-6-one) 'C20 H24 N10 O14 P2'
ZN non-polymer 'ZINC ION' 'Zn 2'
#
# COMPACT_ATOMS: atom_id res chain seq x y z
N GLY A 3 -7.47 -12.79 -9.46
CA GLY A 3 -8.41 -11.69 -9.53
C GLY A 3 -8.36 -10.84 -8.27
N SER A 4 -8.20 -9.53 -8.42
CA SER A 4 -8.20 -8.61 -7.28
C SER A 4 -9.12 -7.44 -7.55
N GLN A 5 -9.72 -6.92 -6.48
CA GLN A 5 -10.53 -5.74 -6.68
C GLN A 5 -9.58 -4.54 -6.60
N ARG A 6 -9.57 -3.73 -7.64
CA ARG A 6 -8.71 -2.57 -7.68
C ARG A 6 -9.25 -1.56 -6.69
N GLN A 7 -8.38 -1.06 -5.83
CA GLN A 7 -8.81 -0.10 -4.82
C GLN A 7 -9.36 1.19 -5.44
N PHE A 8 -8.84 1.56 -6.61
CA PHE A 8 -9.27 2.78 -7.30
C PHE A 8 -9.70 2.46 -8.71
N ALA A 9 -10.73 3.15 -9.20
CA ALA A 9 -11.25 2.84 -10.52
C ALA A 9 -10.36 3.49 -11.59
N ARG A 10 -10.22 2.82 -12.71
CA ARG A 10 -9.33 3.28 -13.78
C ARG A 10 -10.12 3.76 -14.98
N VAL A 11 -9.64 4.80 -15.64
CA VAL A 11 -10.32 5.35 -16.79
C VAL A 11 -9.34 5.69 -17.91
N LYS A 12 -9.84 5.70 -19.14
CA LYS A 12 -9.03 5.98 -20.31
C LYS A 12 -9.24 7.41 -20.79
N LEU A 13 -8.40 8.33 -20.36
CA LEU A 13 -8.59 9.73 -20.72
C LEU A 13 -7.32 10.29 -21.35
N PRO A 14 -7.44 11.43 -22.04
CA PRO A 14 -6.25 12.04 -22.65
C PRO A 14 -5.29 12.60 -21.60
N ALA A 15 -4.23 11.84 -21.30
CA ALA A 15 -3.25 12.26 -20.31
C ALA A 15 -1.90 11.72 -20.70
N ARG A 16 -0.84 12.37 -20.21
CA ARG A 16 0.50 11.96 -20.58
C ARG A 16 1.34 11.94 -19.32
N ILE A 17 2.42 11.17 -19.36
CA ILE A 17 3.39 11.13 -18.28
C ILE A 17 4.74 11.54 -18.86
N ARG A 18 5.45 12.43 -18.17
CA ARG A 18 6.81 12.78 -18.54
C ARG A 18 7.77 12.49 -17.37
N TYR A 19 8.95 11.96 -17.66
CA TYR A 19 9.96 11.75 -16.62
C TYR A 19 11.29 11.51 -17.30
N ILE A 20 12.36 11.52 -16.52
CA ILE A 20 13.68 11.24 -17.07
C ILE A 20 13.98 9.76 -16.88
N GLY A 21 14.28 9.07 -17.97
CA GLY A 21 14.43 7.62 -17.92
C GLY A 21 15.81 7.17 -17.54
N ALA A 22 16.04 5.85 -17.58
CA ALA A 22 17.34 5.28 -17.23
C ALA A 22 18.45 5.78 -18.15
N ASN A 23 18.14 5.99 -19.43
CA ASN A 23 19.15 6.52 -20.36
C ASN A 23 19.45 8.00 -20.10
N ARG A 24 18.88 8.55 -19.03
CA ARG A 24 18.95 9.99 -18.73
C ARG A 24 18.32 10.87 -19.82
N GLU A 25 17.58 10.26 -20.75
CA GLU A 25 16.88 11.06 -21.73
C GLU A 25 15.39 11.07 -21.42
N GLY A 26 14.70 12.13 -21.86
CA GLY A 26 13.33 12.36 -21.45
C GLY A 26 12.37 11.36 -22.06
N VAL A 27 11.33 11.04 -21.31
CA VAL A 27 10.27 10.17 -21.77
C VAL A 27 8.96 10.94 -21.73
N ASP A 28 8.15 10.79 -22.77
CA ASP A 28 6.93 11.57 -22.89
C ASP A 28 5.91 10.66 -23.51
N ALA A 29 5.00 10.11 -22.72
CA ALA A 29 4.18 9.02 -23.22
C ALA A 29 2.74 9.19 -22.87
N ARG A 30 1.87 8.78 -23.79
CA ARG A 30 0.43 8.79 -23.56
C ARG A 30 0.02 7.73 -22.54
N LEU A 31 -0.91 8.08 -21.64
CA LEU A 31 -1.41 7.09 -20.69
C LEU A 31 -2.33 6.10 -21.37
N LEU A 32 -2.21 4.84 -20.95
CA LEU A 32 -3.17 3.83 -21.34
C LEU A 32 -4.40 3.98 -20.43
N ASP A 33 -4.16 4.19 -19.15
CA ASP A 33 -5.26 4.53 -18.25
C ASP A 33 -4.71 5.22 -17.02
N LEU A 34 -5.62 5.67 -16.18
CA LEU A 34 -5.28 6.42 -14.98
C LEU A 34 -6.27 6.15 -13.86
N SER A 35 -5.77 6.03 -12.64
CA SER A 35 -6.60 5.97 -11.45
C SER A 35 -5.96 6.86 -10.39
N ALA A 36 -6.58 6.93 -9.20
CA ALA A 36 -6.02 7.71 -8.12
C ALA A 36 -4.84 6.99 -7.50
N GLY A 37 -4.68 5.71 -7.86
CA GLY A 37 -3.60 4.91 -7.34
C GLY A 37 -2.41 4.81 -8.27
N GLY A 38 -2.62 5.11 -9.56
CA GLY A 38 -1.57 4.94 -10.54
C GLY A 38 -2.00 5.02 -11.99
N PHE A 39 -1.16 4.48 -12.88
CA PHE A 39 -1.36 4.65 -14.30
C PHE A 39 -0.62 3.59 -15.10
N ALA A 40 -0.91 3.54 -16.38
CA ALA A 40 -0.18 2.64 -17.25
C ALA A 40 0.18 3.36 -18.52
N PHE A 41 1.26 2.92 -19.17
CA PHE A 41 1.69 3.45 -20.46
C PHE A 41 2.59 2.45 -21.16
N THR A 42 2.74 2.63 -22.46
CA THR A 42 3.62 1.77 -23.25
C THR A 42 5.01 2.36 -23.29
N ALA A 43 6.01 1.58 -22.86
CA ALA A 43 7.40 2.05 -22.89
C ALA A 43 7.94 1.93 -24.30
N SER A 44 8.66 2.94 -24.78
CA SER A 44 9.20 2.90 -26.14
C SER A 44 10.73 2.92 -26.21
N GLY A 45 11.37 3.54 -25.22
CA GLY A 45 12.83 3.65 -25.24
C GLY A 45 13.58 2.80 -24.24
N ALA A 46 14.24 3.47 -23.31
CA ALA A 46 15.13 2.86 -22.34
C ALA A 46 14.57 1.62 -21.63
N PRO A 47 15.44 0.80 -21.06
CA PRO A 47 14.95 -0.30 -20.23
C PRO A 47 14.18 0.24 -19.02
N ILE A 48 13.21 -0.52 -18.57
CA ILE A 48 12.43 -0.15 -17.40
C ILE A 48 11.98 -1.45 -16.77
N GLN A 49 12.01 -1.55 -15.44
CA GLN A 49 11.65 -2.80 -14.79
C GLN A 49 10.90 -2.56 -13.48
N PRO A 50 10.09 -3.53 -13.06
CA PRO A 50 9.43 -3.42 -11.75
C PRO A 50 10.44 -3.06 -10.68
N GLY A 51 10.04 -2.25 -9.72
CA GLY A 51 10.95 -1.78 -8.69
C GLY A 51 11.60 -0.43 -9.01
N ASP A 52 11.72 -0.07 -10.29
CA ASP A 52 12.26 1.24 -10.66
C ASP A 52 11.43 2.37 -10.06
N LEU A 53 12.10 3.40 -9.54
CA LEU A 53 11.43 4.60 -9.06
C LEU A 53 11.71 5.76 -10.01
N TYR A 54 10.70 6.57 -10.28
CA TYR A 54 10.93 7.79 -11.05
C TYR A 54 10.19 8.96 -10.44
N LYS A 55 10.68 10.16 -10.69
CA LYS A 55 9.91 11.34 -10.37
C LYS A 55 9.42 11.85 -11.71
N GLY A 56 8.12 12.02 -11.85
CA GLY A 56 7.60 12.46 -13.13
C GLY A 56 6.58 13.56 -13.03
N LYS A 57 5.99 13.89 -14.17
CA LYS A 57 4.91 14.85 -14.24
C LYS A 57 3.74 14.23 -15.01
N LEU A 58 2.60 14.11 -14.33
CA LEU A 58 1.36 13.70 -14.97
C LEU A 58 0.64 14.91 -15.56
N LEU A 59 0.33 14.88 -16.85
CA LEU A 59 -0.32 16.03 -17.49
C LEU A 59 -1.64 15.67 -18.17
N PHE A 60 -2.65 16.49 -17.88
CA PHE A 60 -3.95 16.36 -18.51
C PHE A 60 -4.41 17.71 -19.04
N GLN A 61 -5.00 17.70 -20.23
CA GLN A 61 -5.57 18.92 -20.82
C GLN A 61 -6.80 18.64 -21.67
N VAL A 62 -7.93 19.23 -21.28
CA VAL A 62 -9.14 19.27 -22.09
C VAL A 62 -9.70 20.70 -22.05
N ASP A 63 -10.34 21.13 -23.13
CA ASP A 63 -10.84 22.51 -23.26
C ASP A 63 -9.69 23.50 -23.11
N SER A 64 -9.90 24.50 -22.26
CA SER A 64 -8.85 25.45 -21.92
C SER A 64 -8.22 25.05 -20.59
N ILE A 65 -8.67 23.92 -20.06
CA ILE A 65 -8.22 23.41 -18.77
C ILE A 65 -6.98 22.53 -18.89
N SER A 66 -5.95 22.87 -18.13
CA SER A 66 -4.73 22.08 -18.09
C SER A 66 -4.38 21.70 -16.66
N PHE A 67 -4.15 20.41 -16.43
CA PHE A 67 -3.84 19.90 -15.10
C PHE A 67 -2.45 19.24 -15.09
N SER A 68 -1.77 19.35 -13.97
CA SER A 68 -0.42 18.85 -13.88
C SER A 68 -0.15 18.39 -12.45
N LEU A 69 0.38 17.18 -12.32
CA LEU A 69 0.72 16.65 -11.00
C LEU A 69 2.16 16.13 -11.01
N GLU A 70 3.01 16.72 -10.17
CA GLU A 70 4.37 16.23 -9.99
C GLU A 70 4.27 15.04 -9.05
N VAL A 71 4.76 13.87 -9.46
CA VAL A 71 4.60 12.66 -8.65
C VAL A 71 5.80 11.74 -8.69
N GLU A 72 6.06 11.08 -7.57
CA GLU A 72 6.98 9.95 -7.53
C GLU A 72 6.19 8.70 -7.89
N PHE A 73 6.69 7.86 -8.79
CA PHE A 73 5.96 6.61 -9.02
C PHE A 73 6.90 5.43 -9.07
N GLN A 74 6.36 4.27 -8.73
CA GLN A 74 7.09 3.02 -8.75
C GLN A 74 6.52 2.09 -9.81
N VAL A 75 7.41 1.49 -10.60
CA VAL A 75 6.97 0.53 -11.60
C VAL A 75 6.55 -0.76 -10.88
N ARG A 76 5.31 -1.20 -11.13
CA ARG A 76 4.81 -2.40 -10.48
C ARG A 76 4.89 -3.61 -11.40
N SER A 77 4.73 -3.37 -12.70
CA SER A 77 4.80 -4.48 -13.66
C SER A 77 5.22 -3.99 -15.04
N VAL A 78 5.90 -4.86 -15.78
CA VAL A 78 6.21 -4.59 -17.18
C VAL A 78 5.92 -5.83 -18.01
N ASP A 79 5.03 -5.71 -19.00
CA ASP A 79 4.79 -6.79 -19.96
C ASP A 79 5.84 -6.71 -21.05
N PRO A 80 6.80 -7.64 -21.04
CA PRO A 80 7.93 -7.60 -21.96
C PRO A 80 7.51 -7.66 -23.43
N ALA A 81 6.37 -8.28 -23.70
CA ALA A 81 5.88 -8.40 -25.06
C ALA A 81 5.32 -7.09 -25.61
N SER A 82 4.45 -6.43 -24.84
CA SER A 82 3.77 -5.22 -25.30
C SER A 82 4.41 -3.97 -24.75
N ARG A 83 5.38 -4.14 -23.86
CA ARG A 83 6.01 -3.05 -23.13
C ARG A 83 4.99 -2.23 -22.33
N ARG A 84 3.93 -2.89 -21.86
CA ARG A 84 2.97 -2.21 -20.99
C ARG A 84 3.57 -2.02 -19.62
N VAL A 85 3.63 -0.79 -19.15
CA VAL A 85 4.17 -0.51 -17.83
C VAL A 85 3.05 -0.10 -16.90
N GLY A 86 2.92 -0.81 -15.77
CA GLY A 86 1.95 -0.43 -14.77
C GLY A 86 2.66 0.19 -13.60
N CYS A 87 2.18 1.35 -13.13
CA CYS A 87 2.88 2.16 -12.14
C CYS A 87 2.00 2.56 -10.96
N GLU A 88 2.61 2.76 -9.80
CA GLU A 88 1.86 3.15 -8.60
C GLU A 88 2.41 4.44 -8.03
N PHE A 89 1.52 5.41 -7.81
CA PHE A 89 1.88 6.68 -7.20
C PHE A 89 2.43 6.44 -5.80
N GLN A 90 3.50 7.14 -5.43
CA GLN A 90 4.08 7.03 -4.09
C GLN A 90 3.78 8.29 -3.27
N ASN A 91 3.40 8.08 -2.00
CA ASN A 91 3.05 9.13 -1.04
C ASN A 91 2.45 10.42 -1.59
N LEU A 92 1.25 10.32 -2.15
CA LEU A 92 0.48 11.49 -2.55
C LEU A 92 -0.09 12.20 -1.31
N LYS A 93 -0.24 13.52 -1.39
CA LYS A 93 -0.93 14.27 -0.34
C LYS A 93 -2.44 14.11 -0.54
N PRO A 94 -3.23 14.17 0.53
CA PRO A 94 -4.69 14.01 0.38
C PRO A 94 -5.27 15.02 -0.59
N ARG A 95 -4.74 16.23 -0.57
CA ARG A 95 -5.11 17.28 -1.53
C ARG A 95 -4.87 16.82 -2.99
N GLU A 96 -3.84 15.99 -3.18
CA GLU A 96 -3.48 15.56 -4.52
C GLU A 96 -4.32 14.35 -4.95
N VAL A 97 -4.53 13.41 -4.04
CA VAL A 97 -5.43 12.29 -4.32
C VAL A 97 -6.84 12.81 -4.63
N ALA A 98 -7.31 13.74 -3.81
CA ALA A 98 -8.64 14.33 -3.99
C ALA A 98 -8.73 15.06 -5.33
N ALA A 99 -7.64 15.66 -5.76
CA ALA A 99 -7.58 16.31 -7.07
C ALA A 99 -7.64 15.28 -8.20
N LEU A 100 -7.12 14.09 -7.93
CA LEU A 100 -7.14 13.03 -8.92
C LEU A 100 -8.53 12.41 -9.01
N ARG A 101 -9.11 12.08 -7.85
CA ARG A 101 -10.44 11.51 -7.80
C ARG A 101 -11.47 12.46 -8.43
N TYR A 102 -11.26 13.76 -8.26
CA TYR A 102 -12.13 14.76 -8.89
C TYR A 102 -12.05 14.68 -10.41
N LEU A 103 -10.84 14.87 -10.93
CA LEU A 103 -10.60 14.84 -12.37
C LEU A 103 -11.11 13.55 -13.02
N ILE A 104 -10.83 12.43 -12.37
CA ILE A 104 -11.26 11.13 -12.84
C ILE A 104 -12.78 11.09 -12.98
N THR A 105 -13.48 11.34 -11.87
CA THR A 105 -14.94 11.42 -11.88
C THR A 105 -15.41 12.41 -12.93
N SER A 106 -15.69 11.89 -14.12
CA SER A 106 -16.13 12.68 -15.27
C SER A 106 -16.52 11.74 -16.41
N SER B 4 11.14 4.94 2.25
CA SER B 4 12.32 4.86 3.10
C SER B 4 11.95 4.39 4.50
N GLN B 5 10.79 4.83 4.97
CA GLN B 5 10.27 4.32 6.23
C GLN B 5 9.58 2.96 6.00
N ARG B 6 10.30 1.89 6.30
CA ARG B 6 9.77 0.54 6.14
C ARG B 6 8.58 0.32 7.09
N GLN B 7 7.46 -0.13 6.55
CA GLN B 7 6.26 -0.36 7.37
C GLN B 7 6.49 -1.43 8.45
N PHE B 8 7.34 -2.42 8.17
CA PHE B 8 7.61 -3.50 9.13
C PHE B 8 9.09 -3.66 9.43
N ALA B 9 9.43 -3.81 10.70
CA ALA B 9 10.81 -4.05 11.10
C ALA B 9 11.27 -5.38 10.52
N ARG B 10 12.52 -5.41 10.07
CA ARG B 10 13.10 -6.61 9.50
C ARG B 10 14.10 -7.19 10.46
N VAL B 11 14.21 -8.51 10.51
CA VAL B 11 15.17 -9.15 11.40
C VAL B 11 15.86 -10.29 10.70
N LYS B 12 17.06 -10.61 11.14
CA LYS B 12 17.76 -11.78 10.61
C LYS B 12 17.52 -12.97 11.53
N LEU B 13 17.05 -14.06 10.95
CA LEU B 13 16.71 -15.24 11.72
C LEU B 13 16.74 -16.46 10.80
N PRO B 14 17.04 -17.64 11.36
CA PRO B 14 17.26 -18.81 10.48
C PRO B 14 15.99 -19.38 9.84
N ALA B 15 15.21 -18.54 9.17
CA ALA B 15 14.04 -19.02 8.42
C ALA B 15 14.42 -19.46 7.02
N ARG B 16 13.48 -20.11 6.34
CA ARG B 16 13.75 -20.58 4.99
C ARG B 16 12.55 -20.29 4.09
N ILE B 17 12.84 -20.13 2.80
CA ILE B 17 11.80 -20.05 1.79
C ILE B 17 11.94 -21.21 0.82
N ARG B 18 10.83 -21.82 0.47
CA ARG B 18 10.79 -22.88 -0.52
C ARG B 18 9.78 -22.52 -1.62
N TYR B 19 10.18 -22.66 -2.88
CA TYR B 19 9.29 -22.37 -4.01
C TYR B 19 9.84 -23.08 -5.24
N ILE B 20 9.04 -23.10 -6.31
CA ILE B 20 9.47 -23.67 -7.58
C ILE B 20 9.88 -22.55 -8.53
N GLY B 21 11.11 -22.63 -9.03
CA GLY B 21 11.68 -21.55 -9.82
C GLY B 21 11.16 -21.54 -11.24
N ALA B 22 11.42 -20.43 -11.94
CA ALA B 22 10.95 -20.26 -13.31
C ALA B 22 11.39 -21.43 -14.21
N ASN B 23 12.61 -21.90 -13.98
CA ASN B 23 13.17 -23.04 -14.69
C ASN B 23 12.61 -24.38 -14.23
N ARG B 24 11.51 -24.31 -13.47
CA ARG B 24 10.81 -25.47 -12.90
C ARG B 24 11.62 -26.21 -11.83
N GLU B 25 12.79 -25.69 -11.49
CA GLU B 25 13.62 -26.32 -10.46
C GLU B 25 13.23 -25.85 -9.05
N GLY B 26 13.20 -26.79 -8.10
CA GLY B 26 12.87 -26.45 -6.73
C GLY B 26 13.96 -25.63 -6.07
N VAL B 27 13.55 -24.65 -5.27
CA VAL B 27 14.48 -23.83 -4.50
C VAL B 27 14.09 -23.90 -3.03
N ASP B 28 15.08 -24.11 -2.17
CA ASP B 28 14.85 -24.17 -0.74
C ASP B 28 16.00 -23.42 -0.11
N ALA B 29 15.77 -22.16 0.24
CA ALA B 29 16.88 -21.29 0.60
C ALA B 29 16.72 -20.65 1.97
N ARG B 30 17.86 -20.44 2.65
CA ARG B 30 17.85 -19.75 3.92
C ARG B 30 17.63 -18.26 3.69
N LEU B 31 16.88 -17.61 4.59
CA LEU B 31 16.61 -16.18 4.48
C LEU B 31 17.76 -15.31 4.98
N LEU B 32 17.93 -14.14 4.36
CA LEU B 32 18.78 -13.07 4.89
C LEU B 32 18.05 -12.25 5.94
N ASP B 33 16.79 -11.94 5.67
CA ASP B 33 15.96 -11.28 6.66
C ASP B 33 14.50 -11.50 6.36
N LEU B 34 13.67 -11.06 7.29
CA LEU B 34 12.26 -11.35 7.25
C LEU B 34 11.53 -10.21 7.93
N SER B 35 10.38 -9.83 7.38
CA SER B 35 9.50 -8.88 8.05
C SER B 35 8.07 -9.34 7.88
N ALA B 36 7.13 -8.60 8.45
CA ALA B 36 5.72 -8.95 8.29
C ALA B 36 5.25 -8.63 6.87
N GLY B 37 6.10 -7.95 6.11
CA GLY B 37 5.77 -7.59 4.75
C GLY B 37 6.59 -8.28 3.66
N GLY B 38 7.68 -8.95 4.04
CA GLY B 38 8.48 -9.62 3.03
C GLY B 38 9.75 -10.27 3.53
N PHE B 39 10.64 -10.57 2.60
CA PHE B 39 11.86 -11.26 2.96
C PHE B 39 12.94 -11.05 1.91
N ALA B 40 14.16 -11.43 2.29
CA ALA B 40 15.27 -11.44 1.35
C ALA B 40 15.99 -12.78 1.46
N PHE B 41 16.56 -13.22 0.34
CA PHE B 41 17.40 -14.40 0.31
C PHE B 41 18.41 -14.30 -0.84
N THR B 42 19.30 -15.29 -0.91
CA THR B 42 20.32 -15.34 -1.96
C THR B 42 19.98 -16.33 -3.04
N ALA B 43 19.78 -15.82 -4.25
CA ALA B 43 19.44 -16.65 -5.39
C ALA B 43 20.55 -17.64 -5.68
N SER B 44 20.17 -18.79 -6.21
CA SER B 44 21.14 -19.78 -6.67
C SER B 44 20.99 -20.00 -8.18
N GLY B 45 22.01 -19.61 -8.93
CA GLY B 45 22.13 -19.96 -10.35
C GLY B 45 21.02 -19.52 -11.29
N ALA B 46 19.83 -20.08 -11.12
CA ALA B 46 18.73 -19.89 -12.05
C ALA B 46 18.34 -18.42 -12.21
N PRO B 47 17.94 -18.03 -13.43
CA PRO B 47 17.44 -16.67 -13.65
C PRO B 47 16.24 -16.32 -12.76
N ILE B 48 16.28 -15.13 -12.20
CA ILE B 48 15.16 -14.60 -11.43
C ILE B 48 15.15 -13.09 -11.63
N GLN B 49 13.98 -12.47 -11.72
CA GLN B 49 13.96 -11.04 -12.01
C GLN B 49 12.83 -10.32 -11.29
N PRO B 50 13.03 -9.02 -11.01
CA PRO B 50 11.98 -8.25 -10.32
C PRO B 50 10.67 -8.35 -11.07
N GLY B 51 9.55 -8.38 -10.35
CA GLY B 51 8.25 -8.57 -10.96
C GLY B 51 7.77 -10.00 -10.87
N ASP B 52 8.70 -10.97 -10.95
CA ASP B 52 8.37 -12.39 -10.85
C ASP B 52 7.44 -12.71 -9.68
N LEU B 53 6.44 -13.56 -9.93
CA LEU B 53 5.55 -14.04 -8.87
C LEU B 53 5.75 -15.53 -8.67
N TYR B 54 5.82 -15.95 -7.42
CA TYR B 54 5.95 -17.38 -7.07
C TYR B 54 5.05 -17.69 -5.87
N LYS B 55 4.60 -18.93 -5.78
CA LYS B 55 3.94 -19.41 -4.58
C LYS B 55 4.98 -20.13 -3.73
N GLY B 56 4.99 -19.87 -2.43
CA GLY B 56 5.99 -20.49 -1.61
C GLY B 56 5.52 -20.84 -0.23
N LYS B 57 6.41 -21.45 0.54
CA LYS B 57 6.15 -21.72 1.92
C LYS B 57 7.33 -21.16 2.70
N LEU B 58 7.02 -20.31 3.67
CA LEU B 58 8.02 -19.80 4.59
C LEU B 58 8.10 -20.77 5.76
N LEU B 59 9.30 -21.10 6.22
CA LEU B 59 9.42 -21.99 7.37
C LEU B 59 10.40 -21.44 8.37
N PHE B 60 10.00 -21.46 9.64
CA PHE B 60 10.89 -21.13 10.73
C PHE B 60 10.79 -22.23 11.78
N GLN B 61 11.93 -22.84 12.12
CA GLN B 61 11.97 -23.97 13.04
C GLN B 61 13.17 -23.90 13.95
N VAL B 62 12.90 -23.73 15.24
CA VAL B 62 13.93 -23.71 16.28
C VAL B 62 13.34 -24.29 17.57
N ASP B 63 14.17 -24.99 18.33
CA ASP B 63 13.76 -25.49 19.64
C ASP B 63 12.46 -26.28 19.49
N SER B 64 11.42 -25.86 20.19
CA SER B 64 10.16 -26.59 20.18
C SER B 64 9.10 -25.92 19.31
N ILE B 65 9.51 -24.89 18.57
CA ILE B 65 8.59 -24.08 17.77
C ILE B 65 8.73 -24.36 16.29
N SER B 66 7.59 -24.43 15.59
CA SER B 66 7.59 -24.50 14.14
C SER B 66 6.53 -23.56 13.58
N PHE B 67 6.94 -22.72 12.63
CA PHE B 67 6.05 -21.68 12.07
C PHE B 67 6.15 -21.74 10.55
N SER B 68 5.02 -21.96 9.89
CA SER B 68 4.98 -22.11 8.45
C SER B 68 3.90 -21.22 7.85
N LEU B 69 4.22 -20.59 6.72
CA LEU B 69 3.31 -19.69 6.03
C LEU B 69 3.29 -19.99 4.54
N GLU B 70 2.10 -20.32 4.06
CA GLU B 70 1.91 -20.54 2.64
C GLU B 70 1.54 -19.20 2.04
N VAL B 71 2.25 -18.79 1.00
CA VAL B 71 2.13 -17.41 0.56
C VAL B 71 2.68 -17.21 -0.86
N GLU B 72 2.02 -16.33 -1.59
CA GLU B 72 2.53 -15.88 -2.88
C GLU B 72 3.40 -14.66 -2.61
N PHE B 73 4.55 -14.59 -3.27
CA PHE B 73 5.39 -13.40 -3.13
C PHE B 73 5.79 -12.90 -4.51
N GLN B 74 6.09 -11.61 -4.55
CA GLN B 74 6.63 -11.00 -5.75
C GLN B 74 8.06 -10.53 -5.52
N VAL B 75 8.93 -10.78 -6.49
CA VAL B 75 10.30 -10.32 -6.37
C VAL B 75 10.30 -8.81 -6.60
N ARG B 76 10.83 -8.05 -5.64
CA ARG B 76 10.86 -6.59 -5.78
C ARG B 76 12.23 -6.08 -6.18
N SER B 77 13.28 -6.85 -5.84
CA SER B 77 14.63 -6.49 -6.28
C SER B 77 15.54 -7.71 -6.43
N VAL B 78 16.48 -7.63 -7.39
CA VAL B 78 17.52 -8.64 -7.55
C VAL B 78 18.85 -7.98 -7.80
N ASP B 79 19.82 -8.20 -6.93
CA ASP B 79 21.11 -7.55 -7.10
C ASP B 79 22.04 -8.44 -7.91
N PRO B 80 22.55 -7.92 -9.04
CA PRO B 80 23.45 -8.71 -9.89
C PRO B 80 24.73 -9.12 -9.16
N ALA B 81 25.28 -8.21 -8.34
CA ALA B 81 26.54 -8.47 -7.66
C ALA B 81 26.39 -9.50 -6.53
N SER B 82 25.42 -9.26 -5.65
CA SER B 82 25.28 -10.12 -4.48
C SER B 82 24.32 -11.30 -4.67
N ARG B 83 23.53 -11.27 -5.74
CA ARG B 83 22.42 -12.22 -5.99
C ARG B 83 21.40 -12.14 -4.86
N ARG B 84 21.39 -11.01 -4.17
CA ARG B 84 20.40 -10.73 -3.15
C ARG B 84 19.04 -10.47 -3.79
N VAL B 85 18.04 -11.21 -3.34
CA VAL B 85 16.70 -11.09 -3.88
C VAL B 85 15.79 -10.60 -2.77
N GLY B 86 15.11 -9.47 -2.96
CA GLY B 86 14.15 -9.01 -1.96
C GLY B 86 12.74 -9.22 -2.47
N CYS B 87 11.83 -9.64 -1.58
CA CYS B 87 10.50 -10.07 -1.97
C CYS B 87 9.43 -9.48 -1.09
N GLU B 88 8.23 -9.35 -1.66
CA GLU B 88 7.10 -8.83 -0.93
C GLU B 88 5.97 -9.88 -0.84
N PHE B 89 5.44 -10.11 0.35
CA PHE B 89 4.29 -11.00 0.51
C PHE B 89 3.06 -10.42 -0.21
N GLN B 90 2.28 -11.25 -0.89
CA GLN B 90 1.02 -10.83 -1.51
C GLN B 90 -0.20 -11.24 -0.67
N ASN B 91 -1.11 -10.30 -0.46
CA ASN B 91 -2.46 -10.59 0.05
C ASN B 91 -2.58 -11.21 1.45
N LEU B 92 -1.65 -10.91 2.35
CA LEU B 92 -1.76 -11.45 3.71
C LEU B 92 -3.00 -10.91 4.43
N LYS B 93 -3.56 -11.71 5.33
CA LYS B 93 -4.70 -11.30 6.16
C LYS B 93 -4.19 -10.69 7.47
N PRO B 94 -5.01 -9.83 8.11
CA PRO B 94 -4.55 -9.18 9.34
C PRO B 94 -4.04 -10.16 10.39
N ARG B 95 -4.71 -11.30 10.55
CA ARG B 95 -4.26 -12.30 11.51
C ARG B 95 -2.90 -12.88 11.11
N GLU B 96 -2.64 -12.92 9.81
CA GLU B 96 -1.39 -13.44 9.29
C GLU B 96 -0.26 -12.44 9.48
N VAL B 97 -0.51 -11.17 9.16
CA VAL B 97 0.45 -10.12 9.49
C VAL B 97 0.73 -10.10 10.99
N ALA B 98 -0.32 -10.19 11.81
CA ALA B 98 -0.16 -10.11 13.26
C ALA B 98 0.70 -11.26 13.80
N ALA B 99 0.52 -12.44 13.22
CA ALA B 99 1.26 -13.63 13.63
C ALA B 99 2.74 -13.51 13.26
N LEU B 100 3.00 -12.94 12.09
CA LEU B 100 4.36 -12.65 11.66
C LEU B 100 5.00 -11.65 12.60
N ARG B 101 4.26 -10.58 12.91
CA ARG B 101 4.73 -9.58 13.88
C ARG B 101 5.12 -10.22 15.21
N TYR B 102 4.23 -11.05 15.74
CA TYR B 102 4.47 -11.64 17.05
C TYR B 102 5.71 -12.53 17.00
N LEU B 103 5.87 -13.27 15.91
CA LEU B 103 7.04 -14.11 15.70
C LEU B 103 8.33 -13.29 15.76
N ILE B 104 8.36 -12.22 14.96
CA ILE B 104 9.53 -11.38 14.79
C ILE B 104 9.87 -10.59 16.06
N THR B 105 8.85 -10.09 16.74
CA THR B 105 9.05 -9.40 18.02
C THR B 105 9.62 -10.32 19.10
N SER B 106 8.97 -11.47 19.32
CA SER B 106 9.47 -12.41 20.31
C SER B 106 10.83 -12.97 19.90
N GLY C 3 -29.83 47.57 -4.95
CA GLY C 3 -29.09 48.25 -6.00
C GLY C 3 -28.07 47.32 -6.65
N SER C 4 -26.87 47.82 -6.88
CA SER C 4 -25.83 46.98 -7.44
C SER C 4 -25.31 46.02 -6.37
N GLN C 5 -25.04 44.80 -6.82
CA GLN C 5 -24.69 43.66 -5.98
C GLN C 5 -23.58 42.83 -6.65
N ARG C 6 -22.49 42.56 -5.94
CA ARG C 6 -21.49 41.63 -6.46
C ARG C 6 -22.15 40.27 -6.54
N GLN C 7 -22.21 39.71 -7.73
CA GLN C 7 -22.89 38.44 -7.88
C GLN C 7 -22.10 37.27 -7.27
N PHE C 8 -20.77 37.32 -7.34
CA PHE C 8 -19.94 36.22 -6.84
C PHE C 8 -18.98 36.69 -5.76
N ALA C 9 -18.80 35.90 -4.71
CA ALA C 9 -17.85 36.27 -3.68
C ALA C 9 -16.45 36.33 -4.27
N ARG C 10 -15.66 37.28 -3.78
CA ARG C 10 -14.29 37.42 -4.24
C ARG C 10 -13.37 36.92 -3.15
N VAL C 11 -12.41 36.07 -3.51
CA VAL C 11 -11.47 35.54 -2.53
C VAL C 11 -10.00 35.81 -2.89
N LYS C 12 -9.18 35.89 -1.86
CA LYS C 12 -7.76 36.14 -2.04
C LYS C 12 -6.93 34.85 -2.07
N LEU C 13 -7.35 33.85 -2.81
CA LEU C 13 -6.55 32.62 -2.91
C LEU C 13 -5.34 32.84 -3.81
N PRO C 14 -4.22 32.17 -3.49
CA PRO C 14 -2.98 32.40 -4.24
C PRO C 14 -3.10 31.88 -5.67
N ALA C 15 -2.82 32.76 -6.63
CA ALA C 15 -2.97 32.41 -8.03
C ALA C 15 -2.31 33.48 -8.86
N ARG C 16 -2.07 33.18 -10.12
CA ARG C 16 -1.33 34.08 -10.99
C ARG C 16 -2.09 34.28 -12.28
N ILE C 17 -1.89 35.43 -12.90
CA ILE C 17 -2.43 35.62 -14.24
C ILE C 17 -1.28 35.78 -15.22
N ARG C 18 -1.35 35.08 -16.36
CA ARG C 18 -0.39 35.28 -17.42
C ARG C 18 -1.07 35.64 -18.73
N TYR C 19 -0.69 36.79 -19.28
CA TYR C 19 -1.19 37.23 -20.57
C TYR C 19 -0.19 38.12 -21.28
N ILE C 20 -0.42 38.33 -22.58
CA ILE C 20 0.38 39.26 -23.36
C ILE C 20 -0.35 40.58 -23.49
N GLY C 21 0.26 41.65 -22.98
CA GLY C 21 -0.37 42.95 -22.95
C GLY C 21 0.18 43.93 -23.98
N ALA C 22 0.22 45.20 -23.60
CA ALA C 22 0.74 46.24 -24.47
C ALA C 22 2.21 45.98 -24.77
N ASN C 23 2.65 46.45 -25.94
CA ASN C 23 4.03 46.27 -26.42
C ASN C 23 4.42 44.81 -26.66
N ARG C 24 3.41 43.93 -26.77
CA ARG C 24 3.63 42.49 -26.89
C ARG C 24 4.50 41.99 -25.74
N GLU C 25 4.46 42.71 -24.62
CA GLU C 25 5.16 42.30 -23.41
C GLU C 25 4.30 41.33 -22.63
N GLY C 26 4.89 40.24 -22.18
CA GLY C 26 4.18 39.30 -21.34
C GLY C 26 3.99 39.89 -19.96
N VAL C 27 2.89 39.53 -19.30
CA VAL C 27 2.68 39.93 -17.91
C VAL C 27 2.41 38.68 -17.08
N ASP C 28 3.09 38.59 -15.93
CA ASP C 28 2.93 37.50 -14.97
C ASP C 28 2.75 38.15 -13.61
N ALA C 29 1.50 38.20 -13.14
CA ALA C 29 1.22 38.92 -11.90
C ALA C 29 0.38 38.10 -10.93
N ARG C 30 0.56 38.41 -9.65
CA ARG C 30 -0.18 37.81 -8.56
C ARG C 30 -1.60 38.37 -8.50
N LEU C 31 -2.59 37.49 -8.40
CA LEU C 31 -3.98 37.93 -8.29
C LEU C 31 -4.21 38.57 -6.94
N LEU C 32 -4.83 39.75 -6.94
CA LEU C 32 -5.25 40.37 -5.69
C LEU C 32 -6.48 39.67 -5.17
N ASP C 33 -7.41 39.35 -6.06
CA ASP C 33 -8.54 38.50 -5.67
C ASP C 33 -9.09 37.77 -6.89
N LEU C 34 -9.99 36.85 -6.65
CA LEU C 34 -10.48 36.01 -7.74
C LEU C 34 -11.92 35.66 -7.44
N SER C 35 -12.75 35.61 -8.47
CA SER C 35 -14.13 35.14 -8.32
C SER C 35 -14.57 34.40 -9.56
N ALA C 36 -15.78 33.84 -9.51
CA ALA C 36 -16.33 33.16 -10.68
C ALA C 36 -16.47 34.12 -11.85
N GLY C 37 -16.56 35.42 -11.55
CA GLY C 37 -16.81 36.43 -12.57
C GLY C 37 -15.58 37.16 -13.10
N GLY C 38 -14.49 37.14 -12.37
CA GLY C 38 -13.31 37.88 -12.80
C GLY C 38 -12.22 37.91 -11.76
N PHE C 39 -11.32 38.88 -11.86
CA PHE C 39 -10.20 38.92 -10.94
C PHE C 39 -9.58 40.28 -10.91
N ALA C 40 -8.60 40.45 -10.04
CA ALA C 40 -7.85 41.68 -10.00
C ALA C 40 -6.37 41.42 -9.80
N PHE C 41 -5.55 42.34 -10.26
CA PHE C 41 -4.12 42.21 -10.09
C PHE C 41 -3.49 43.58 -10.21
N THR C 42 -2.19 43.64 -9.89
CA THR C 42 -1.44 44.88 -10.05
C THR C 42 -0.72 44.91 -11.39
N ALA C 43 -1.02 45.92 -12.20
CA ALA C 43 -0.41 46.07 -13.52
C ALA C 43 1.07 46.41 -13.40
N SER C 44 1.80 46.30 -14.50
CA SER C 44 3.25 46.50 -14.50
C SER C 44 3.71 47.52 -15.55
N GLY C 45 3.64 48.79 -15.18
CA GLY C 45 4.17 49.87 -16.00
C GLY C 45 3.43 50.10 -17.29
N ALA C 46 3.45 49.09 -18.17
CA ALA C 46 2.83 49.17 -19.48
C ALA C 46 1.36 49.61 -19.40
N PRO C 47 0.97 50.55 -20.26
CA PRO C 47 -0.37 51.17 -20.26
C PRO C 47 -1.50 50.15 -20.37
N ILE C 48 -2.57 50.41 -19.64
CA ILE C 48 -3.73 49.53 -19.68
C ILE C 48 -4.95 50.35 -19.30
N GLN C 49 -6.06 50.10 -20.01
CA GLN C 49 -7.24 50.94 -19.85
C GLN C 49 -8.49 50.09 -19.83
N PRO C 50 -9.51 50.55 -19.09
CA PRO C 50 -10.80 49.89 -19.11
C PRO C 50 -11.26 49.68 -20.54
N GLY C 51 -11.87 48.53 -20.78
CA GLY C 51 -12.22 48.10 -22.12
C GLY C 51 -11.21 47.18 -22.78
N ASP C 52 -9.93 47.33 -22.44
CA ASP C 52 -8.91 46.46 -23.02
C ASP C 52 -9.28 45.00 -22.84
N LEU C 53 -9.10 44.20 -23.89
CA LEU C 53 -9.44 42.79 -23.80
C LEU C 53 -8.20 41.93 -24.04
N TYR C 54 -8.08 40.85 -23.26
CA TYR C 54 -6.93 39.95 -23.40
C TYR C 54 -7.28 38.47 -23.19
N LYS C 55 -6.54 37.62 -23.88
CA LYS C 55 -6.56 36.18 -23.62
C LYS C 55 -5.38 35.86 -22.70
N GLY C 56 -5.58 34.94 -21.77
CA GLY C 56 -4.52 34.62 -20.83
C GLY C 56 -4.73 33.33 -20.11
N LYS C 57 -3.82 33.03 -19.18
CA LYS C 57 -3.90 31.82 -18.38
C LYS C 57 -3.95 32.15 -16.90
N LEU C 58 -4.92 31.57 -16.20
CA LEU C 58 -4.95 31.61 -14.73
C LEU C 58 -4.17 30.42 -14.16
N LEU C 59 -3.18 30.69 -13.31
CA LEU C 59 -2.32 29.64 -12.75
C LEU C 59 -2.57 29.39 -11.26
N PHE C 60 -2.91 28.14 -10.91
CA PHE C 60 -3.11 27.69 -9.52
C PHE C 60 -2.12 26.61 -9.11
N GLN C 61 -1.39 26.81 -8.02
CA GLN C 61 -0.48 25.78 -7.50
C GLN C 61 -0.69 25.48 -6.01
N VAL C 62 -0.90 24.20 -5.68
CA VAL C 62 -0.85 23.77 -4.29
C VAL C 62 -0.20 22.38 -4.20
N ASP C 63 0.72 22.24 -3.25
CA ASP C 63 1.57 21.05 -3.18
C ASP C 63 2.22 20.85 -4.54
N SER C 64 2.14 19.64 -5.09
CA SER C 64 2.75 19.37 -6.37
C SER C 64 1.71 19.39 -7.50
N ILE C 65 0.55 19.98 -7.22
CA ILE C 65 -0.46 20.21 -8.25
C ILE C 65 -0.27 21.58 -8.89
N SER C 66 -0.33 21.60 -10.22
CA SER C 66 -0.45 22.84 -10.98
C SER C 66 -1.67 22.72 -11.88
N PHE C 67 -2.57 23.69 -11.78
CA PHE C 67 -3.77 23.69 -12.59
C PHE C 67 -3.96 25.01 -13.35
N SER C 68 -4.18 24.92 -14.66
CA SER C 68 -4.18 26.10 -15.52
C SER C 68 -5.51 26.32 -16.24
N LEU C 69 -5.87 27.58 -16.45
CA LEU C 69 -7.12 27.92 -17.13
C LEU C 69 -6.92 29.06 -18.15
N GLU C 70 -7.11 28.75 -19.44
CA GLU C 70 -7.02 29.78 -20.46
C GLU C 70 -8.30 30.63 -20.43
N VAL C 71 -8.15 31.95 -20.35
CA VAL C 71 -9.32 32.81 -20.24
C VAL C 71 -9.24 34.06 -21.10
N GLU C 72 -10.41 34.59 -21.39
CA GLU C 72 -10.56 35.88 -22.04
C GLU C 72 -11.08 36.84 -20.98
N PHE C 73 -10.47 38.00 -20.83
CA PHE C 73 -11.01 38.96 -19.86
C PHE C 73 -10.95 40.39 -20.37
N GLN C 74 -11.90 41.21 -19.93
CA GLN C 74 -11.91 42.62 -20.28
C GLN C 74 -11.70 43.48 -19.02
N VAL C 75 -10.82 44.48 -19.13
CA VAL C 75 -10.50 45.35 -18.02
C VAL C 75 -11.72 46.21 -17.72
N ARG C 76 -12.08 46.29 -16.42
CA ARG C 76 -13.24 47.08 -16.00
C ARG C 76 -12.88 48.24 -15.09
N SER C 77 -11.67 48.26 -14.56
CA SER C 77 -11.21 49.38 -13.77
C SER C 77 -9.69 49.39 -13.69
N VAL C 78 -9.11 50.58 -13.68
CA VAL C 78 -7.67 50.75 -13.48
C VAL C 78 -7.42 51.88 -12.48
N ASP C 79 -6.79 51.57 -11.35
CA ASP C 79 -6.49 52.62 -10.38
C ASP C 79 -5.10 53.17 -10.66
N PRO C 80 -5.04 54.47 -11.02
CA PRO C 80 -3.79 55.11 -11.41
C PRO C 80 -2.73 55.04 -10.32
N ALA C 81 -3.13 55.14 -9.06
CA ALA C 81 -2.16 55.21 -7.96
C ALA C 81 -1.56 53.85 -7.62
N SER C 82 -2.39 52.82 -7.55
CA SER C 82 -1.93 51.50 -7.13
C SER C 82 -1.67 50.58 -8.32
N ARG C 83 -2.09 51.01 -9.51
CA ARG C 83 -2.10 50.15 -10.68
C ARG C 83 -3.00 48.92 -10.48
N ARG C 84 -3.97 49.01 -9.56
CA ARG C 84 -4.93 47.93 -9.41
C ARG C 84 -5.81 47.83 -10.66
N VAL C 85 -5.83 46.65 -11.26
CA VAL C 85 -6.66 46.43 -12.45
C VAL C 85 -7.72 45.40 -12.14
N GLY C 86 -8.97 45.72 -12.41
CA GLY C 86 -10.06 44.78 -12.15
C GLY C 86 -10.67 44.34 -13.46
N CYS C 87 -10.93 43.03 -13.58
CA CYS C 87 -11.22 42.39 -14.88
C CYS C 87 -12.46 41.51 -14.81
N GLU C 88 -13.15 41.37 -15.95
CA GLU C 88 -14.31 40.49 -16.05
C GLU C 88 -14.02 39.39 -17.06
N PHE C 89 -14.18 38.12 -16.66
CA PHE C 89 -14.03 37.01 -17.61
C PHE C 89 -15.07 37.18 -18.72
N GLN C 90 -14.68 36.88 -19.96
CA GLN C 90 -15.65 36.79 -21.05
C GLN C 90 -15.69 35.37 -21.59
N ASN C 91 -16.89 34.88 -21.90
CA ASN C 91 -17.06 33.59 -22.56
C ASN C 91 -16.42 32.41 -21.83
N LEU C 92 -16.77 32.19 -20.57
CA LEU C 92 -16.24 31.05 -19.82
C LEU C 92 -17.00 29.76 -20.14
N LYS C 93 -16.28 28.73 -20.58
CA LYS C 93 -16.90 27.45 -20.87
C LYS C 93 -17.36 26.80 -19.57
N PRO C 94 -18.46 26.02 -19.63
CA PRO C 94 -19.04 25.41 -18.43
C PRO C 94 -18.04 24.59 -17.61
N ARG C 95 -17.10 23.91 -18.27
CA ARG C 95 -16.06 23.19 -17.53
C ARG C 95 -15.25 24.18 -16.69
N GLU C 96 -14.84 25.27 -17.32
CA GLU C 96 -14.07 26.33 -16.66
C GLU C 96 -14.81 26.88 -15.45
N VAL C 97 -16.05 27.29 -15.66
CA VAL C 97 -16.91 27.81 -14.59
C VAL C 97 -16.94 26.87 -13.39
N ALA C 98 -17.11 25.58 -13.68
CA ALA C 98 -17.23 24.58 -12.62
C ALA C 98 -15.90 24.38 -11.90
N ALA C 99 -14.82 24.45 -12.66
CA ALA C 99 -13.48 24.26 -12.10
C ALA C 99 -13.15 25.41 -11.16
N LEU C 100 -13.52 26.62 -11.59
CA LEU C 100 -13.34 27.82 -10.78
C LEU C 100 -14.09 27.68 -9.48
N ARG C 101 -15.34 27.24 -9.58
CA ARG C 101 -16.18 27.12 -8.41
C ARG C 101 -15.64 26.06 -7.45
N TYR C 102 -14.97 25.05 -8.00
CA TYR C 102 -14.35 24.02 -7.17
C TYR C 102 -13.20 24.62 -6.36
N LEU C 103 -12.33 25.35 -7.03
CA LEU C 103 -11.24 26.05 -6.36
C LEU C 103 -11.75 26.97 -5.25
N ILE C 104 -12.76 27.76 -5.59
CA ILE C 104 -13.25 28.80 -4.69
C ILE C 104 -14.02 28.19 -3.51
N THR C 105 -14.85 27.17 -3.79
CA THR C 105 -15.58 26.50 -2.72
C THR C 105 -14.62 25.85 -1.74
N SER C 106 -13.58 25.19 -2.25
CA SER C 106 -12.62 24.55 -1.37
C SER C 106 -11.88 25.59 -0.54
N TYR C 107 -11.46 26.69 -1.17
CA TYR C 107 -10.74 27.73 -0.44
C TYR C 107 -11.56 28.28 0.70
N LEU C 108 -12.80 28.65 0.42
CA LEU C 108 -13.74 28.98 1.46
C LEU C 108 -13.92 27.73 2.34
N ALA C 109 -14.02 27.92 3.65
CA ALA C 109 -14.08 26.79 4.58
C ALA C 109 -12.88 25.82 4.50
N GLY C 110 -11.70 26.34 4.18
CA GLY C 110 -10.46 25.59 4.32
C GLY C 110 -9.90 25.02 3.02
N GLY D 1 -14.84 -26.30 50.79
CA GLY D 1 -15.16 -25.59 49.58
C GLY D 1 -15.51 -24.18 50.02
N PRO D 2 -14.79 -23.14 49.53
CA PRO D 2 -13.88 -22.77 48.42
C PRO D 2 -13.08 -23.86 47.65
N GLY D 3 -12.31 -24.67 48.37
CA GLY D 3 -11.78 -25.92 47.84
C GLY D 3 -10.88 -25.82 46.62
N SER D 4 -10.78 -26.91 45.87
CA SER D 4 -9.91 -26.94 44.71
C SER D 4 -10.46 -26.04 43.59
N GLN D 5 -9.60 -25.23 42.99
CA GLN D 5 -10.01 -24.39 41.88
C GLN D 5 -9.01 -24.47 40.74
N ARG D 6 -9.51 -24.41 39.51
CA ARG D 6 -8.64 -24.40 38.35
C ARG D 6 -7.82 -23.13 38.37
N GLN D 7 -6.50 -23.29 38.32
CA GLN D 7 -5.59 -22.16 38.36
C GLN D 7 -5.65 -21.34 37.06
N PHE D 8 -5.94 -21.99 35.95
CA PHE D 8 -5.95 -21.29 34.65
C PHE D 8 -7.27 -21.49 33.91
N ALA D 9 -7.75 -20.42 33.28
CA ALA D 9 -8.96 -20.50 32.45
C ALA D 9 -8.76 -21.45 31.27
N ARG D 10 -9.73 -22.34 31.06
CA ARG D 10 -9.66 -23.26 29.94
C ARG D 10 -10.54 -22.80 28.80
N VAL D 11 -9.98 -22.76 27.59
CA VAL D 11 -10.72 -22.27 26.44
C VAL D 11 -10.88 -23.33 25.36
N LYS D 12 -12.00 -23.30 24.66
CA LYS D 12 -12.22 -24.25 23.56
C LYS D 12 -11.79 -23.65 22.22
N LEU D 13 -10.49 -23.61 21.94
CA LEU D 13 -10.05 -23.09 20.65
C LEU D 13 -9.63 -24.21 19.72
N PRO D 14 -9.77 -24.00 18.41
CA PRO D 14 -9.39 -25.00 17.42
C PRO D 14 -7.89 -25.31 17.47
N ALA D 15 -7.57 -26.56 17.77
CA ALA D 15 -6.18 -27.00 17.77
C ALA D 15 -6.20 -28.50 17.78
N ARG D 16 -5.04 -29.10 17.52
CA ARG D 16 -4.91 -30.54 17.49
C ARG D 16 -3.67 -30.96 18.30
N ILE D 17 -3.63 -32.24 18.68
CA ILE D 17 -2.45 -32.77 19.33
C ILE D 17 -1.99 -33.95 18.52
N ARG D 18 -0.68 -34.03 18.30
CA ARG D 18 -0.09 -35.16 17.63
C ARG D 18 1.04 -35.71 18.47
N TYR D 19 1.02 -37.01 18.71
CA TYR D 19 2.07 -37.67 19.46
C TYR D 19 2.04 -39.14 19.14
N ILE D 20 3.12 -39.84 19.51
CA ILE D 20 3.17 -41.29 19.37
C ILE D 20 2.85 -41.93 20.72
N GLY D 21 1.74 -42.67 20.76
CA GLY D 21 1.22 -43.18 22.02
C GLY D 21 1.66 -44.59 22.33
N ALA D 22 0.83 -45.31 23.08
CA ALA D 22 1.11 -46.70 23.39
C ALA D 22 1.15 -47.51 22.10
N ASN D 23 1.61 -48.76 22.21
CA ASN D 23 1.87 -49.67 21.08
C ASN D 23 2.20 -48.98 19.76
N ARG D 24 2.90 -47.85 19.86
CA ARG D 24 3.53 -47.16 18.74
C ARG D 24 2.57 -46.57 17.69
N GLU D 25 1.28 -46.52 18.00
CA GLU D 25 0.30 -45.87 17.14
C GLU D 25 0.38 -44.34 17.27
N GLY D 26 0.48 -43.64 16.15
CA GLY D 26 0.42 -42.19 16.17
C GLY D 26 -0.97 -41.73 16.59
N VAL D 27 -1.07 -40.54 17.17
CA VAL D 27 -2.38 -39.96 17.48
C VAL D 27 -2.44 -38.56 16.91
N ASP D 28 -3.51 -38.24 16.18
CA ASP D 28 -3.73 -36.91 15.65
C ASP D 28 -5.16 -36.60 16.06
N ALA D 29 -5.33 -35.77 17.10
CA ALA D 29 -6.64 -35.56 17.69
C ALA D 29 -6.95 -34.09 17.90
N ARG D 30 -8.23 -33.72 17.75
CA ARG D 30 -8.66 -32.35 18.05
C ARG D 30 -8.66 -32.08 19.57
N LEU D 31 -8.30 -30.86 19.96
CA LEU D 31 -8.35 -30.47 21.37
C LEU D 31 -9.76 -30.18 21.82
N LEU D 32 -10.12 -30.64 23.00
CA LEU D 32 -11.41 -30.31 23.60
C LEU D 32 -11.31 -28.96 24.28
N ASP D 33 -10.21 -28.74 24.99
CA ASP D 33 -9.92 -27.42 25.53
C ASP D 33 -8.44 -27.23 25.78
N LEU D 34 -8.05 -25.99 26.07
CA LEU D 34 -6.65 -25.65 26.26
C LEU D 34 -6.52 -24.58 27.31
N SER D 35 -5.42 -24.62 28.04
CA SER D 35 -5.15 -23.58 29.02
C SER D 35 -3.65 -23.50 29.18
N ALA D 36 -3.17 -22.52 29.94
CA ALA D 36 -1.75 -22.37 30.17
C ALA D 36 -1.16 -23.60 30.89
N GLY D 37 -2.02 -24.40 31.54
CA GLY D 37 -1.55 -25.52 32.33
C GLY D 37 -1.74 -26.91 31.74
N GLY D 38 -2.52 -27.02 30.68
CA GLY D 38 -2.70 -28.32 30.04
C GLY D 38 -3.79 -28.28 29.00
N PHE D 39 -4.29 -29.47 28.61
CA PHE D 39 -5.29 -29.58 27.56
C PHE D 39 -6.06 -30.86 27.71
N ALA D 40 -7.13 -30.99 26.92
CA ALA D 40 -7.90 -32.23 26.87
C ALA D 40 -8.17 -32.60 25.42
N PHE D 41 -8.29 -33.90 25.16
CA PHE D 41 -8.59 -34.37 23.82
C PHE D 41 -9.28 -35.71 23.88
N THR D 42 -9.82 -36.12 22.74
CA THR D 42 -10.41 -37.45 22.62
C THR D 42 -9.40 -38.43 22.05
N ALA D 43 -9.09 -39.50 22.79
CA ALA D 43 -8.04 -40.42 22.36
C ALA D 43 -8.53 -41.43 21.33
N SER D 44 -7.60 -42.28 20.87
CA SER D 44 -7.79 -43.13 19.70
C SER D 44 -8.39 -44.50 19.96
N GLY D 45 -8.22 -45.02 21.18
CA GLY D 45 -8.60 -46.40 21.45
C GLY D 45 -7.41 -47.20 21.96
N ALA D 46 -6.21 -46.78 21.57
CA ALA D 46 -4.99 -47.35 22.12
C ALA D 46 -4.92 -47.05 23.62
N PRO D 47 -4.36 -47.99 24.41
CA PRO D 47 -4.33 -47.80 25.87
C PRO D 47 -3.63 -46.51 26.22
N ILE D 48 -4.20 -45.78 27.17
CA ILE D 48 -3.52 -44.63 27.74
C ILE D 48 -4.03 -44.46 29.17
N GLN D 49 -3.11 -44.15 30.09
CA GLN D 49 -3.43 -44.14 31.52
C GLN D 49 -2.91 -42.91 32.22
N PRO D 50 -3.60 -42.49 33.30
CA PRO D 50 -3.07 -41.43 34.16
C PRO D 50 -1.65 -41.75 34.56
N GLY D 51 -0.79 -40.76 34.55
CA GLY D 51 0.62 -41.01 34.80
C GLY D 51 1.44 -41.03 33.53
N ASP D 52 0.85 -41.53 32.44
CA ASP D 52 1.60 -41.58 31.16
C ASP D 52 2.12 -40.21 30.73
N LEU D 53 3.39 -40.19 30.35
CA LEU D 53 4.05 -38.96 29.95
C LEU D 53 4.39 -39.06 28.46
N TYR D 54 3.98 -38.08 27.68
CA TYR D 54 4.31 -38.11 26.24
C TYR D 54 4.86 -36.79 25.77
N LYS D 55 5.63 -36.85 24.69
CA LYS D 55 6.09 -35.66 24.00
C LYS D 55 5.33 -35.58 22.68
N GLY D 56 4.80 -34.41 22.38
CA GLY D 56 4.00 -34.28 21.18
C GLY D 56 4.00 -32.85 20.69
N LYS D 57 3.24 -32.58 19.64
CA LYS D 57 3.12 -31.22 19.15
C LYS D 57 1.67 -30.75 19.19
N LEU D 58 1.47 -29.56 19.72
CA LEU D 58 0.24 -28.81 19.60
C LEU D 58 0.24 -28.14 18.26
N LEU D 59 -0.77 -28.41 17.45
CA LEU D 59 -0.87 -27.79 16.13
C LEU D 59 -1.98 -26.76 16.10
N PHE D 60 -1.66 -25.59 15.55
CA PHE D 60 -2.60 -24.48 15.38
C PHE D 60 -2.57 -24.02 13.94
N GLN D 61 -3.74 -23.76 13.34
CA GLN D 61 -3.79 -23.10 12.03
C GLN D 61 -4.55 -21.76 12.12
N VAL D 62 -3.93 -20.70 11.59
CA VAL D 62 -4.57 -19.38 11.50
C VAL D 62 -4.45 -18.89 10.05
N ASP D 63 -5.54 -19.02 9.31
CA ASP D 63 -5.55 -18.83 7.86
C ASP D 63 -4.44 -19.67 7.24
N SER D 64 -3.54 -19.04 6.50
CA SER D 64 -2.51 -19.84 5.81
C SER D 64 -1.28 -20.07 6.67
N ILE D 65 -1.38 -19.76 7.96
CA ILE D 65 -0.28 -19.99 8.89
C ILE D 65 -0.50 -21.26 9.70
N SER D 66 0.52 -22.11 9.70
CA SER D 66 0.50 -23.32 10.51
C SER D 66 1.59 -23.16 11.55
N PHE D 67 1.20 -23.31 12.81
CA PHE D 67 2.12 -23.16 13.93
C PHE D 67 2.11 -24.41 14.78
N SER D 68 3.28 -24.85 15.24
CA SER D 68 3.32 -26.00 16.12
C SER D 68 4.26 -25.78 17.31
N LEU D 69 3.86 -26.37 18.42
CA LEU D 69 4.58 -26.23 19.66
C LEU D 69 4.82 -27.62 20.26
N GLU D 70 6.08 -28.03 20.34
CA GLU D 70 6.37 -29.31 20.96
C GLU D 70 6.18 -29.17 22.48
N VAL D 71 5.47 -30.13 23.07
CA VAL D 71 5.25 -30.12 24.52
C VAL D 71 5.44 -31.49 25.12
N GLU D 72 5.80 -31.52 26.40
CA GLU D 72 5.73 -32.73 27.22
C GLU D 72 4.46 -32.63 28.05
N PHE D 73 3.74 -33.73 28.21
CA PHE D 73 2.56 -33.64 29.03
C PHE D 73 2.35 -34.95 29.75
N GLN D 74 1.78 -34.85 30.94
CA GLN D 74 1.43 -36.04 31.70
C GLN D 74 -0.06 -36.16 31.79
N VAL D 75 -0.57 -37.34 31.51
CA VAL D 75 -1.99 -37.57 31.55
C VAL D 75 -2.49 -37.52 33.00
N ARG D 76 -3.53 -36.72 33.24
CA ARG D 76 -4.09 -36.61 34.61
C ARG D 76 -5.45 -37.29 34.78
N SER D 77 -6.18 -37.52 33.69
CA SER D 77 -7.41 -38.32 33.73
C SER D 77 -7.69 -38.99 32.38
N VAL D 78 -8.36 -40.13 32.43
CA VAL D 78 -8.84 -40.82 31.23
C VAL D 78 -10.24 -41.37 31.50
N ASP D 79 -11.23 -40.91 30.74
CA ASP D 79 -12.59 -41.47 30.82
C ASP D 79 -12.74 -42.58 29.79
N PRO D 80 -12.72 -43.84 30.24
CA PRO D 80 -12.80 -44.96 29.30
C PRO D 80 -14.04 -44.91 28.41
N ALA D 81 -15.14 -44.36 28.93
CA ALA D 81 -16.41 -44.35 28.18
C ALA D 81 -16.43 -43.36 27.03
N SER D 82 -15.58 -42.33 27.10
CA SER D 82 -15.60 -41.26 26.11
C SER D 82 -14.24 -41.05 25.45
N ARG D 83 -13.24 -41.77 25.96
CA ARG D 83 -11.86 -41.57 25.55
C ARG D 83 -11.37 -40.17 25.85
N ARG D 84 -12.04 -39.45 26.75
CA ARG D 84 -11.58 -38.13 27.11
C ARG D 84 -10.28 -38.21 27.91
N VAL D 85 -9.26 -37.50 27.46
CA VAL D 85 -7.96 -37.54 28.13
C VAL D 85 -7.61 -36.13 28.58
N GLY D 86 -7.40 -35.93 29.88
CA GLY D 86 -7.05 -34.63 30.42
C GLY D 86 -5.58 -34.62 30.80
N CYS D 87 -4.88 -33.53 30.48
CA CYS D 87 -3.40 -33.51 30.48
C CYS D 87 -2.80 -32.29 31.14
N GLU D 88 -1.63 -32.46 31.75
CA GLU D 88 -0.93 -31.35 32.42
C GLU D 88 0.41 -31.12 31.73
N PHE D 89 0.67 -29.90 31.27
CA PHE D 89 1.97 -29.61 30.66
C PHE D 89 3.12 -29.86 31.63
N GLN D 90 4.21 -30.43 31.14
CA GLN D 90 5.42 -30.51 31.95
C GLN D 90 6.55 -29.68 31.32
N ASN D 91 7.26 -28.92 32.15
CA ASN D 91 8.47 -28.19 31.72
C ASN D 91 8.29 -27.21 30.55
N LEU D 92 7.28 -26.36 30.62
CA LEU D 92 7.14 -25.30 29.62
C LEU D 92 8.04 -24.11 29.94
N LYS D 93 8.85 -23.71 28.98
CA LYS D 93 9.64 -22.49 29.12
C LYS D 93 8.71 -21.27 28.94
N PRO D 94 8.94 -20.21 29.74
CA PRO D 94 8.19 -18.94 29.69
C PRO D 94 7.93 -18.49 28.25
N ARG D 95 8.91 -18.76 27.39
CA ARG D 95 8.81 -18.49 25.96
C ARG D 95 7.62 -19.25 25.37
N GLU D 96 7.56 -20.53 25.68
CA GLU D 96 6.52 -21.39 25.17
C GLU D 96 5.17 -21.04 25.80
N VAL D 97 5.19 -20.64 27.07
CA VAL D 97 3.98 -20.23 27.76
C VAL D 97 3.35 -19.00 27.13
N ALA D 98 4.17 -18.00 26.83
CA ALA D 98 3.66 -16.76 26.23
C ALA D 98 3.01 -17.06 24.90
N ALA D 99 3.63 -17.95 24.14
CA ALA D 99 3.08 -18.40 22.87
C ALA D 99 1.67 -18.93 23.10
N LEU D 100 1.52 -19.72 24.16
CA LEU D 100 0.20 -20.21 24.55
C LEU D 100 -0.67 -19.06 25.02
N ARG D 101 -0.10 -18.19 25.85
CA ARG D 101 -0.83 -17.01 26.33
C ARG D 101 -1.28 -16.14 25.17
N TYR D 102 -0.45 -16.05 24.12
CA TYR D 102 -0.79 -15.28 22.93
C TYR D 102 -1.94 -15.93 22.18
N LEU D 103 -1.80 -17.23 21.89
CA LEU D 103 -2.79 -17.94 21.08
C LEU D 103 -4.17 -17.91 21.71
N ILE D 104 -4.22 -18.16 23.02
CA ILE D 104 -5.48 -18.18 23.74
C ILE D 104 -6.17 -16.82 23.65
N THR D 105 -5.40 -15.75 23.76
CA THR D 105 -5.97 -14.42 23.68
C THR D 105 -6.12 -13.94 22.24
N SER D 106 -7.07 -14.52 21.52
CA SER D 106 -7.46 -14.10 20.17
C SER D 106 -8.50 -15.07 19.62
P1 C2E E . -0.05 -4.03 -8.39
O2P C2E E . 0.29 -4.65 -9.72
O1P C2E E . 1.18 -4.10 -7.51
O5' C2E E . -0.40 -2.36 -8.48
C5' C2E E . -0.51 -1.67 -7.21
C4' C2E E . -1.38 -0.34 -7.50
O4' C2E E . -0.55 0.49 -8.53
C3' C2E E . -2.42 -0.62 -8.05
O3' C2E E . -3.56 -0.71 -7.02
C2' C2E E . -2.69 0.74 -8.98
O2' C2E E . -3.18 1.77 -8.09
C1' C2E E . -1.57 1.06 -9.47
N9 C2E E . -1.31 0.31 -10.77
C8 C2E E . -0.52 -0.73 -11.08
N7 C2E E . -0.69 -1.00 -12.39
C5 C2E E . -1.58 -0.13 -12.88
C6 C2E E . -2.17 0.07 -14.26
O6 C2E E . -1.84 -0.63 -15.15
N1 C2E E . -3.13 1.11 -14.47
C2 C2E E . -3.53 1.96 -13.39
N2 C2E E . -4.47 3.01 -13.58
N3 C2E E . -2.95 1.75 -12.06
C4 C2E E . -1.98 0.67 -11.86
P11 C2E E . -4.98 -1.50 -7.61
O21 C2E E . -5.79 -0.85 -8.72
O11 C2E E . -5.89 -1.57 -6.40
O5A C2E E . -4.42 -3.03 -7.94
C5A C2E E . -4.10 -3.79 -6.79
C4A C2E E . -3.68 -5.05 -7.18
O4A C2E E . -4.71 -5.77 -8.02
C3A C2E E . -2.45 -4.96 -8.20
O3A C2E E . -1.15 -4.85 -7.42
C2A C2E E . -2.45 -6.05 -8.84
O2A C2E E . -1.68 -7.10 -8.16
C1A C2E E . -4.05 -6.47 -8.90
N91 C2E E . -4.57 -6.26 -10.20
C81 C2E E . -5.52 -5.30 -10.35
N71 C2E E . -5.88 -5.30 -11.65
C51 C2E E . -5.17 -6.26 -12.30
C61 C2E E . -5.12 -6.74 -13.77
O61 C2E E . -5.83 -6.26 -14.60
N11 C2E E . -4.22 -7.77 -14.15
C21 C2E E . -3.36 -8.39 -13.16
N21 C2E E . -2.43 -9.47 -13.53
N31 C2E E . -3.42 -7.94 -11.78
C41 C2E E . -4.35 -6.84 -11.38
P1 C2E F . -6.64 -4.11 -18.89
O2P C2E F . -6.92 -3.53 -17.52
O1P C2E F . -6.92 -3.07 -19.94
O5' C2E F . -5.08 -4.54 -19.27
C5' C2E F . -4.53 -5.19 -18.13
C4' C2E F . -3.26 -6.08 -18.56
O4' C2E F . -1.99 -5.27 -18.09
C3' C2E F . -3.39 -7.04 -17.82
O3' C2E F . -3.77 -8.32 -18.61
C2' C2E F . -1.98 -7.16 -16.93
O2' C2E F . -1.01 -8.00 -17.62
C1' C2E F . -1.54 -5.98 -16.84
N9 C2E F . -2.16 -5.24 -15.64
C8 C2E F . -3.23 -4.43 -15.51
N7 C2E F . -3.35 -4.08 -14.23
C5 C2E F . -2.34 -4.64 -13.58
C6 C2E F . -1.93 -4.59 -12.11
O6 C2E F . -2.57 -3.95 -11.36
N1 C2E F . -0.77 -5.32 -11.70
C2 C2E F . -0.03 -6.09 -12.66
N2 C2E F . 1.13 -6.85 -12.29
N3 C2E F . -0.43 -6.12 -14.04
C4 C2E F . -1.62 -5.36 -14.46
P11 C2E F . -4.68 -9.36 -17.57
O21 C2E F . -4.12 -9.64 -16.19
O11 C2E F . -4.76 -10.69 -18.30
O5A C2E F . -6.16 -8.61 -17.59
C5A C2E F . -6.79 -8.57 -18.84
C4A C2E F . -7.95 -7.85 -18.73
O4A C2E F . -8.91 -8.49 -17.75
C3A C2E F . -7.69 -6.38 -18.10
O3A C2E F . -7.73 -5.35 -19.24
C2A C2E F . -8.63 -6.13 -17.31
O2A C2E F . -9.75 -5.43 -17.96
C1A C2E F . -9.26 -7.59 -16.86
N91 C2E F . -8.81 -7.90 -15.56
C81 C2E F . -7.95 -8.93 -15.45
N71 C2E F . -7.68 -9.06 -14.15
C51 C2E F . -8.35 -8.16 -13.45
C61 C2E F . -8.41 -7.87 -11.95
O61 C2E F . -7.77 -8.54 -11.21
N11 C2E F . -9.23 -6.80 -11.48
C21 C2E F . -9.99 -6.02 -12.44
N21 C2E F . -10.85 -4.91 -12.01
N31 C2E F . -9.91 -6.32 -13.86
C41 C2E F . -9.06 -7.42 -14.34
P1 C2E G . -16.49 -9.38 -17.85
O2P C2E G . -15.31 -10.33 -17.87
O1P C2E G . -17.14 -9.48 -19.20
O5' C2E G . -17.67 -9.74 -16.68
C5' C2E G . -18.93 -9.02 -16.73
C4' C2E G . -19.54 -9.14 -15.25
O4' C2E G . -19.64 -10.67 -14.98
C3' C2E G . -18.74 -8.78 -14.42
O3' C2E G . -18.94 -7.28 -14.13
C2' C2E G . -19.22 -9.65 -13.08
O2' C2E G . -20.49 -9.12 -12.64
C1' C2E G . -19.44 -10.81 -13.50
N9 C2E G . -18.28 -11.79 -13.37
C8 C2E G . -17.41 -12.25 -14.28
N7 C2E G . -16.60 -13.10 -13.64
C5 C2E G . -16.96 -13.15 -12.37
C6 C2E G . -16.42 -13.94 -11.18
O6 C2E G . -15.50 -14.66 -11.32
N1 C2E G . -17.03 -13.80 -9.90
C2 C2E G . -18.15 -12.93 -9.75
N2 C2E G . -18.80 -12.76 -8.47
N3 C2E G . -18.66 -12.18 -10.89
C4 C2E G . -18.02 -12.34 -12.20
P11 C2E G . -17.82 -6.62 -12.98
O21 C2E G . -17.57 -7.33 -11.67
O11 C2E G . -18.42 -5.26 -12.67
O5A C2E G . -16.47 -6.42 -13.93
C5A C2E G . -16.71 -5.77 -15.14
C4A C2E G . -15.58 -6.00 -15.87
O4A C2E G . -14.40 -5.76 -14.98
C3A C2E G . -15.44 -7.56 -16.27
O3A C2E G . -16.01 -7.79 -17.69
C2A C2E G . -14.21 -7.78 -16.29
O2A C2E G . -13.60 -7.44 -17.61
C1A C2E G . -13.54 -6.71 -15.21
N91 C2E G . -13.10 -7.36 -14.02
C81 C2E G . -13.52 -6.88 -12.82
N71 C2E G . -12.94 -7.66 -11.86
C51 C2E G . -12.17 -8.58 -12.46
C61 C2E G . -11.27 -9.70 -11.93
O61 C2E G . -11.18 -9.87 -10.77
N11 C2E G . -10.56 -10.54 -12.85
C21 C2E G . -10.70 -10.32 -14.27
N21 C2E G . -10.01 -11.14 -15.25
N31 C2E G . -11.55 -9.24 -14.77
C41 C2E G . -12.28 -8.38 -13.80
ZN ZN H . -14.75 -12.95 -13.96
ZN ZN I . 4.87 15.93 -24.21
P1 C2E J . 9.58 -2.20 -2.54
O2P C2E J . 10.91 -2.46 -3.23
O1P C2E J . 8.51 -2.27 -3.62
O5' C2E J . 9.15 -3.40 -1.40
C5' C2E J . 7.79 -3.35 -0.88
C4' C2E J . 7.70 -4.23 0.48
O4' C2E J . 8.21 -5.66 0.15
C3' C2E J . 8.47 -3.81 1.32
O3' C2E J . 7.70 -2.78 2.17
C2' C2E J . 8.82 -5.17 2.22
O2' C2E J . 7.68 -5.41 3.11
C1' C2E J . 8.95 -6.11 1.38
N9 C2E J . 10.39 -6.21 0.89
C8 C2E J . 10.98 -5.82 -0.25
N7 C2E J . 12.29 -6.13 -0.15
C5 C2E J . 12.48 -6.71 1.04
C6 C2E J . 13.72 -7.27 1.72
O6 C2E J . 14.78 -7.24 1.18
N1 C2E J . 13.60 -7.81 3.02
C2 C2E J . 12.34 -7.85 3.70
N2 C2E J . 12.25 -8.42 5.02
N3 C2E J . 11.14 -7.32 3.04
C4 C2E J . 11.29 -6.74 1.69
P11 C2E J . 8.65 -1.80 3.26
O21 C2E J . 9.69 -2.49 4.11
O11 C2E J . 7.65 -1.22 4.25
O5A C2E J . 9.06 -0.49 2.35
C5A C2E J . 9.86 -0.82 1.28
C4A C2E J . 9.84 0.20 0.39
O4A C2E J . 10.77 1.33 0.80
C3A C2E J . 10.50 -0.44 -0.91
O3A C2E J . 9.36 -0.67 -1.92
C2A C2E J . 11.42 0.31 -1.30
O2A C2E J . 11.09 1.11 -2.49
C1A C2E J . 11.79 1.28 0.00
N91 C2E J . 12.96 0.76 0.64
C81 C2E J . 12.86 0.33 1.92
N71 C2E J . 14.10 -0.09 2.30
C51 C2E J . 14.95 0.09 1.28
C61 C2E J . 16.47 -0.19 1.10
O61 C2E J . 17.14 -0.65 1.97
N11 C2E J . 17.08 0.12 -0.16
C21 C2E J . 16.29 0.69 -1.24
N21 C2E J . 16.90 1.02 -2.52
N31 C2E J . 14.87 0.94 -1.05
C41 C2E J . 14.23 0.61 0.25
P1 C2E K . 20.00 -3.75 3.68
O2P C2E K . 18.79 -3.77 4.58
O1P C2E K . 20.89 -4.95 3.96
O5' C2E K . 19.67 -3.95 2.03
C5' C2E K . 20.81 -4.09 1.17
C4' C2E K . 20.39 -3.71 -0.34
O4' C2E K . 19.25 -4.67 -0.83
C3' C2E K . 19.93 -2.57 -0.38
O3' C2E K . 21.09 -1.61 -0.69
C2' C2E K . 18.92 -2.67 -1.70
O2' C2E K . 19.77 -2.77 -2.87
C1' C2E K . 18.29 -3.76 -1.57
N9 C2E K . 17.10 -3.58 -0.65
C8 C2E K . 16.93 -3.74 0.68
N7 C2E K . 15.64 -3.45 0.97
C5 C2E K . 15.03 -3.13 -0.17
C6 C2E K . 13.59 -2.72 -0.48
O6 C2E K . 12.81 -2.64 0.39
N1 C2E K . 13.24 -2.43 -1.82
C2 C2E K . 14.21 -2.52 -2.86
N2 C2E K . 13.87 -2.24 -4.22
N3 C2E K . 15.58 -2.91 -2.56
C4 C2E K . 15.95 -3.21 -1.17
P11 C2E K . 20.76 0.05 -0.34
O21 C2E K . 19.56 0.68 -1.01
O11 C2E K . 22.00 0.81 -0.82
O5A C2E K . 20.70 0.12 1.33
C5A C2E K . 21.92 -0.01 2.01
C4A C2E K . 21.64 -0.11 3.35
O4A C2E K . 21.12 1.19 3.93
C3A C2E K . 20.42 -1.15 3.64
O3A C2E K . 21.03 -2.48 4.07
C2A C2E K . 19.75 -0.67 4.57
O2A C2E K . 20.22 -1.09 5.90
C1A C2E K . 20.00 0.97 4.57
N91 C2E K . 18.87 1.59 3.98
C81 C2E K . 19.04 2.08 2.73
N71 C2E K . 17.88 2.66 2.37
C51 C2E K . 17.01 2.51 3.37
C61 C2E K . 15.55 2.95 3.51
O61 C2E K . 15.03 3.51 2.62
N11 C2E K . 14.83 2.67 4.72
C21 C2E K . 15.50 1.96 5.79
N21 C2E K . 14.81 1.68 7.04
N31 C2E K . 16.89 1.55 5.64
C41 C2E K . 17.63 1.86 4.39
P1 C2E L . 17.14 5.25 12.81
O2P C2E L . 16.17 6.16 12.06
O1P C2E L . 16.33 4.54 13.86
O5' C2E L . 17.81 4.08 11.81
C5' C2E L . 18.76 3.14 12.39
C4' C2E L . 19.71 2.69 11.16
O4' C2E L . 18.77 2.07 10.07
C3' C2E L . 20.22 3.66 10.64
O3' C2E L . 21.64 3.75 11.18
C2' C2E L . 20.31 3.29 9.01
O2' C2E L . 21.44 2.39 8.86
C1' C2E L . 19.26 2.64 8.75
N9 C2E L . 18.08 3.50 8.28
C8 C2E L . 16.92 3.78 8.88
N7 C2E L . 16.22 4.57 8.05
C5 C2E L . 16.92 4.76 6.93
C6 C2E L . 16.65 5.56 5.66
O6 C2E L . 15.63 6.14 5.53
N1 C2E L . 17.61 5.59 4.62
C2 C2E L . 18.83 4.87 4.79
N2 C2E L . 19.84 4.90 3.77
N3 C2E L . 19.09 4.12 6.02
C4 C2E L . 18.09 4.10 7.09
P11 C2E L . 22.44 5.21 10.74
O21 C2E L . 22.70 5.42 9.26
O11 C2E L . 23.77 5.20 11.49
O5A C2E L . 21.44 6.33 11.46
C5A C2E L . 21.38 6.34 12.88
C4A C2E L . 20.49 7.30 13.29
O4A C2E L . 20.76 8.66 12.67
C3A C2E L . 19.00 7.05 12.74
O3A C2E L . 18.31 6.07 13.71
C2A C2E L . 18.42 8.15 12.76
O2A C2E L . 17.89 8.50 14.10
C1A C2E L . 19.61 9.26 12.46
N91 C2E L . 19.52 9.72 11.10
C81 C2E L . 20.45 9.24 10.24
N71 C2E L . 20.20 9.82 9.03
C51 C2E L . 19.14 10.61 9.16
C61 C2E L . 18.41 11.52 8.15
O61 C2E L . 18.77 11.60 7.02
N11 C2E L . 17.29 12.28 8.60
C21 C2E L . 16.86 12.19 9.98
N21 C2E L . 15.71 12.96 10.47
N31 C2E L . 17.57 11.34 10.92
C41 C2E L . 18.73 10.55 10.46
ZN ZN M . 20.48 8.68 7.50
ZN ZN N . 17.98 4.08 0.76
ZN ZN O . 26.90 -11.07 15.54
ZN ZN P . 24.54 -3.89 -6.69
ZN ZN Q . 12.78 -27.15 2.93
P1 C2E R . -11.90 46.64 -3.20
O2P C2E R . -12.66 45.35 -3.39
O1P C2E R . -10.48 46.44 -2.73
O5' C2E R . -11.78 47.46 -4.67
C5' C2E R . -10.83 48.55 -4.73
C4' C2E R . -11.31 49.47 -5.96
O4' C2E R . -11.18 48.62 -7.27
C3' C2E R . -12.51 49.76 -5.88
O3' C2E R . -12.62 51.07 -5.12
C2' C2E R . -12.88 50.07 -7.45
O2' C2E R . -12.23 51.31 -7.82
C1' C2E R . -12.33 49.13 -8.10
N9 C2E R . -13.23 47.92 -8.23
C8 C2E R . -13.29 46.78 -7.51
N7 C2E R . -14.25 46.02 -8.06
C5 C2E R . -14.76 46.68 -9.09
C6 C2E R . -15.85 46.33 -10.09
O6 C2E R . -16.44 45.30 -10.01
N1 C2E R . -16.18 47.27 -11.11
C2 C2E R . -15.47 48.51 -11.19
N2 C2E R . -15.80 49.45 -12.24
N3 C2E R . -14.43 48.84 -10.25
C4 C2E R . -14.10 47.87 -9.19
P11 C2E R . -14.26 51.48 -4.69
O21 C2E R . -15.34 51.53 -5.76
O11 C2E R . -14.04 52.82 -4.02
O5A C2E R . -14.61 50.38 -3.49
C5A C2E R . -13.89 50.49 -2.28
C4A C2E R . -14.20 49.42 -1.48
O4A C2E R . -15.69 49.30 -1.29
C3A C2E R . -13.91 47.99 -2.21
O3A C2E R . -12.45 47.67 -2.01
C2A C2E R . -14.61 47.16 -1.61
O2A C2E R . -14.07 46.67 -0.30
C1A C2E R . -15.98 48.01 -1.25
N91 C2E R . -17.07 47.67 -2.10
C81 C2E R . -17.50 48.62 -2.97
N71 C2E R . -18.58 48.11 -3.60
C51 C2E R . -18.80 46.88 -3.12
C61 C2E R . -19.87 45.83 -3.45
O61 C2E R . -20.70 46.04 -4.26
N11 C2E R . -19.87 44.58 -2.72
C21 C2E R . -18.87 44.33 -1.71
N21 C2E R . -18.84 43.07 -0.97
N31 C2E R . -17.86 45.34 -1.42
C41 C2E R . -17.86 46.63 -2.17
P1 C2E S . -18.36 45.95 -13.73
O2P C2E S . -17.38 47.04 -13.36
O1P C2E S . -18.73 46.10 -15.20
O5' C2E S . -17.65 44.41 -13.56
C5' C2E S . -18.42 43.32 -14.10
C4' C2E S . -17.93 41.97 -13.36
O4' C2E S . -16.40 41.83 -13.68
C3' C2E S . -17.99 42.06 -12.14
O3' C2E S . -19.39 41.56 -11.74
C2' C2E S . -16.79 41.00 -11.66
O2' C2E S . -17.34 39.65 -11.82
C1' C2E S . -15.81 41.19 -12.46
N9 C2E S . -14.83 42.22 -11.89
C8 C2E S . -14.60 43.53 -12.16
N7 C2E S . -13.64 43.95 -11.33
C5 C2E S . -13.28 42.94 -10.57
C6 C2E S . -12.26 42.81 -9.44
O6 C2E S . -11.60 43.73 -9.10
N1 C2E S . -12.11 41.55 -8.80
C2 C2E S . -12.92 40.44 -9.19
N2 C2E S . -12.76 39.18 -8.53
N3 C2E S . -13.90 40.57 -10.27
C4 C2E S . -14.05 41.87 -10.92
P11 C2E S . -19.87 41.81 -10.11
O21 C2E S . -18.96 41.28 -9.01
O11 C2E S . -21.21 41.12 -10.00
O5A C2E S . -20.12 43.46 -10.05
C5A C2E S . -21.13 43.96 -10.87
C4A C2E S . -21.06 45.33 -10.90
O4A C2E S . -21.00 45.91 -9.52
C3A C2E S . -19.70 45.91 -11.52
O3A C2E S . -19.85 45.94 -13.04
C2A C2E S . -19.55 47.07 -11.06
O2A C2E S . -20.38 48.15 -11.67
C1A C2E S . -20.19 46.94 -9.55
N91 C2E S . -19.17 46.84 -8.56
C81 C2E S . -19.00 45.66 -7.90
N71 C2E S . -18.01 45.84 -6.99
C51 C2E S . -17.58 47.12 -7.10
C61 C2E S . -16.51 47.94 -6.35
O61 C2E S . -15.88 47.43 -5.50
N11 C2E S . -16.28 49.31 -6.72
C21 C2E S . -17.06 49.91 -7.79
N21 C2E S . -16.89 51.31 -8.18
N31 C2E S . -18.10 49.14 -8.47
C41 C2E S . -18.31 47.72 -8.09
P1 C2E T . -23.12 56.06 -6.41
O2P C2E T . -22.08 55.88 -5.34
O1P C2E T . -22.83 57.37 -7.12
O5' C2E T . -23.14 54.84 -7.61
C5' C2E T . -24.18 54.98 -8.61
C4' C2E T . -24.26 53.54 -9.33
O4' C2E T . -22.83 53.30 -9.96
C3' C2E T . -24.47 52.68 -8.48
O3' C2E T . -25.94 52.26 -8.58
C2' C2E T . -23.51 51.42 -8.96
O2' C2E T . -24.28 50.69 -9.96
C1' C2E T . -22.44 51.93 -9.45
N9 C2E T . -21.37 52.20 -8.40
C8 C2E T . -20.62 53.30 -8.13
N7 C2E T . -19.77 53.00 -7.12
C5 C2E T . -19.99 51.72 -6.78
C6 C2E T . -19.36 50.80 -5.72
O6 C2E T . -18.53 51.21 -5.01
N1 C2E T . -19.82 49.46 -5.61
C2 C2E T . -20.84 48.96 -6.47
N2 C2E T . -21.30 47.61 -6.36
N3 C2E T . -21.45 49.84 -7.48
C4 C2E T . -20.97 51.23 -7.59
P11 C2E T . -26.71 51.69 -7.14
O21 C2E T . -26.27 50.30 -6.73
O11 C2E T . -28.18 51.68 -7.58
O5A C2E T . -26.32 52.87 -6.02
C5A C2E T . -27.06 54.07 -6.07
C4A C2E T . -26.64 54.88 -5.04
O4A C2E T . -26.90 54.25 -3.70
C3A C2E T . -25.06 55.09 -5.02
O3A C2E T . -24.70 56.25 -5.92
C2A C2E T . -24.78 55.38 -3.83
O2A C2E T . -25.07 56.79 -3.47
C1A C2E T . -25.87 54.51 -2.95
N91 C2E T . -25.26 53.34 -2.40
C81 C2E T . -25.48 52.13 -2.98
N71 C2E T . -24.80 51.22 -2.21
C51 C2E T . -24.18 51.86 -1.20
C61 C2E T . -23.29 51.40 -0.03
O61 C2E T . -23.04 50.24 0.09
N11 C2E T . -22.77 52.35 0.90
C21 C2E T . -23.10 53.76 0.75
N21 C2E T . -22.59 54.77 1.67
N31 C2E T . -23.95 54.20 -0.37
C41 C2E T . -24.47 53.18 -1.34
ZN ZN U . -24.32 49.10 -3.24
P1 C2E V . -4.93 -32.52 38.28
O2P C2E V . -5.96 -33.57 37.99
O1P C2E V . -3.62 -33.14 38.73
O5' C2E V . -4.49 -31.60 36.96
C5' C2E V . -3.41 -30.67 37.22
C4' C2E V . -3.48 -29.54 36.07
O4' C2E V . -3.35 -30.28 34.69
C3' C2E V . -4.59 -29.00 36.03
O3' C2E V . -4.47 -27.78 36.94
C2' C2E V . -4.68 -28.51 34.45
O2' C2E V . -3.78 -27.37 34.30
C1' C2E V . -4.23 -29.49 33.76
N9 C2E V . -5.35 -30.43 33.37
C8 C2E V . -5.74 -31.64 33.84
N7 C2E V . -6.81 -32.00 33.12
C5 C2E V . -7.07 -31.04 32.24
C6 C2E V . -8.13 -30.85 31.15
O6 C2E V . -8.95 -31.66 30.99
N1 C2E V . -8.12 -29.66 30.37
C2 C2E V . -7.11 -28.66 30.59
N2 C2E V . -7.06 -27.45 29.82
N3 C2E V . -6.11 -28.84 31.61
C4 C2E V . -6.14 -30.07 32.42
P11 C2E V . -5.94 -27.04 37.45
O21 C2E V . -6.80 -26.52 36.32
O11 C2E V . -5.46 -25.85 38.26
O5A C2E V . -6.72 -28.16 38.39
C5A C2E V . -6.09 -28.42 39.62
C4A C2E V . -6.73 -29.49 40.22
O4A C2E V . -8.21 -29.26 40.29
C3A C2E V . -6.63 -30.81 39.30
O3A C2E V . -5.30 -31.51 39.58
C2A C2E V . -7.64 -31.51 39.61
O2A C2E V . -7.45 -32.36 40.81
C1A C2E V . -8.81 -30.38 39.99
N91 C2E V . -9.77 -30.25 38.93
C81 C2E V . -9.84 -29.12 38.18
N71 C2E V . -10.86 -29.29 37.27
C51 C2E V . -11.41 -30.50 37.49
C61 C2E V . -12.58 -31.30 36.85
O61 C2E V . -13.23 -30.86 35.96
N11 C2E V . -12.91 -32.62 37.34
C21 C2E V . -12.13 -33.18 38.42
N21 C2E V . -12.39 -34.51 38.99
N31 C2E V . -11.05 -32.41 39.00
C41 C2E V . -10.71 -31.07 38.51
P1 C2E W . -15.39 -30.87 31.90
O2P C2E W . -14.57 -29.63 32.06
O1P C2E W . -15.86 -31.04 30.48
O5' C2E W . -14.54 -32.31 32.27
C5' C2E W . -15.16 -33.56 31.94
C4' C2E W . -14.47 -34.64 32.89
O4' C2E W . -12.93 -34.62 32.59
C3' C2E W . -14.52 -34.27 34.06
O3' C2E W . -15.81 -34.78 34.70
C2' C2E W . -13.22 -35.01 34.76
O2' C2E W . -13.55 -36.43 34.82
C1' C2E W . -12.28 -34.85 33.92
N9 C2E W . -11.45 -33.59 34.19
C8 C2E W . -11.54 -32.35 33.67
N7 C2E W . -10.56 -31.61 34.22
C5 C2E W . -9.86 -32.38 35.05
C6 C2E W . -8.64 -32.12 35.93
O6 C2E W . -8.13 -31.06 35.98
N1 C2E W . -8.10 -33.19 36.72
C2 C2E W . -8.72 -34.48 36.68
N2 C2E W . -8.18 -35.52 37.47
N3 C2E W . -9.88 -34.72 35.83
C4 C2E W . -10.42 -33.63 35.02
P11 C2E W . -16.11 -34.14 36.28
O21 C2E W . -15.05 -34.32 37.34
O11 C2E W . -17.36 -34.90 36.65
O5A C2E W . -16.51 -32.54 36.04
C5A C2E W . -17.72 -32.35 35.35
C4A C2E W . -17.86 -31.01 35.03
O4A C2E W . -17.77 -30.11 36.25
C3A C2E W . -16.60 -30.49 34.18
O3A C2E W . -16.86 -30.87 32.72
C2A C2E W . -16.62 -29.25 34.33
O2A C2E W . -17.60 -28.59 33.44
C1A C2E W . -17.19 -29.01 35.86
N91 C2E W . -16.15 -28.67 36.76
C81 C2E W . -15.76 -29.60 37.65
N71 C2E W . -14.78 -29.04 38.41
C51 C2E W . -14.58 -27.79 38.00
C61 C2E W . -13.64 -26.67 38.47
O61 C2E W . -12.87 -26.84 39.36
N11 C2E W . -13.66 -25.41 37.79
C21 C2E W . -14.57 -25.19 36.70
N21 C2E W . -14.60 -23.89 36.03
N31 C2E W . -15.48 -26.24 36.27
C41 C2E W . -15.44 -27.56 36.96
P1 C2E X . -15.08 -34.83 46.62
O2P C2E X . -16.14 -34.95 45.55
O1P C2E X . -14.76 -36.22 47.08
O5' C2E X . -13.61 -34.19 46.14
C5' C2E X . -12.61 -34.32 47.18
C4' C2E X . -11.40 -33.42 46.62
O4' C2E X . -10.94 -34.14 45.30
C3' C2E X . -11.84 -32.32 46.32
O3' C2E X . -11.34 -31.37 47.44
C2' C2E X . -11.06 -31.99 44.88
O2' C2E X . -9.72 -31.56 45.24
C1' C2E X . -11.00 -33.07 44.21
N9 C2E X . -12.21 -33.35 43.29
C8 C2E X . -13.08 -34.38 43.15
N7 C2E X . -13.97 -34.10 42.16
C5 C2E X . -13.63 -32.87 41.70
C6 C2E X . -14.22 -31.97 40.61
O6 C2E X . -15.16 -32.34 40.00
N1 C2E X . -13.62 -30.71 40.31
C2 C2E X . -12.49 -30.27 41.06
N2 C2E X . -11.86 -29.00 40.80
N3 C2E X . -11.92 -31.12 42.10
C4 C2E X . -12.55 -32.43 42.40
P11 C2E X . -12.23 -29.89 47.64
O21 C2E X . -12.03 -28.83 46.57
O11 C2E X . -11.67 -29.31 48.93
O5A C2E X . -13.77 -30.48 47.75
C5A C2E X . -14.06 -31.19 48.92
C4A C2E X . -15.37 -31.59 48.91
O4A C2E X . -16.32 -30.43 48.70
C3A C2E X . -15.70 -32.55 47.67
O3A C2E X . -15.52 -34.04 48.03
C2A C2E X . -16.91 -32.38 47.40
O2A C2E X . -17.86 -33.26 48.13
C1A C2E X . -17.28 -30.85 47.90
N91 C2E X . -17.44 -30.04 46.74
C81 C2E X . -16.41 -29.21 46.41
N71 C2E X . -16.79 -28.54 45.30
C51 C2E X . -18.01 -28.93 44.95
C61 C2E X . -18.93 -28.53 43.78
O61 C2E X . -18.59 -27.71 43.01
N11 C2E X . -20.22 -29.14 43.66
C21 C2E X . -20.65 -30.13 44.62
N21 C2E X . -21.96 -30.75 44.47
N31 C2E X . -19.75 -30.53 45.71
C41 C2E X . -18.41 -29.89 45.85
ZN ZN Y . -15.01 -27.53 43.72
ZN ZN Z . -14.98 -35.62 41.43
#